data_1LKZ
#
_entry.id   1LKZ
#
_cell.length_a   70.335
_cell.length_b   71.809
_cell.length_c   193.067
_cell.angle_alpha   90.00
_cell.angle_beta   90.00
_cell.angle_gamma   90.00
#
_symmetry.space_group_name_H-M   'C 2 2 21'
#
loop_
_entity.id
_entity.type
_entity.pdbx_description
1 polymer 'Ribose 5-phosphate isomerase A'
2 water water
#
_entity_poly.entity_id   1
_entity_poly.type   'polypeptide(L)'
_entity_poly.pdbx_seq_one_letter_code
;(MSE)TQDELKKAVGWAALQYVQPGTIVGVGTGSTAAHFIDALGT(MSE)KGQIEGAVSSSDASTEKLKSLGIHVFDLNE
VDSLGIYVDGADEINGH(MSE)Q(MSE)IKGGGAALTREKIIASVAEKFICIADASKQVDILGKFPLPVEVIP(MSE)AR
SAVARQLVKLGGRPEYRQGVVTDNGNVILDVHG(MSE)EILDPIA(MSE)ENAINAIPGVVTVGLFANRGADVALIGTPD
GVKTIVK
;
_entity_poly.pdbx_strand_id   A,B
#
# COMPACT_ATOMS: atom_id res chain seq x y z
N MSE A 1 -26.99 -20.82 -21.45
CA MSE A 1 -26.82 -22.22 -20.94
C MSE A 1 -26.84 -22.18 -19.41
O MSE A 1 -27.66 -21.48 -18.81
CB MSE A 1 -25.49 -22.80 -21.40
CG MSE A 1 -25.20 -22.64 -22.90
SE MSE A 1 -24.42 -20.92 -23.45
CE MSE A 1 -22.56 -21.42 -23.67
N THR A 2 -25.93 -22.93 -18.79
CA THR A 2 -25.83 -22.95 -17.33
C THR A 2 -24.68 -22.03 -16.93
N GLN A 3 -24.86 -21.26 -15.84
CA GLN A 3 -23.84 -20.34 -15.37
C GLN A 3 -22.42 -20.83 -15.55
N ASP A 4 -22.19 -22.13 -15.37
CA ASP A 4 -20.84 -22.67 -15.51
C ASP A 4 -20.36 -22.78 -16.95
N GLU A 5 -21.26 -23.03 -17.89
CA GLU A 5 -20.85 -23.13 -19.28
C GLU A 5 -20.66 -21.74 -19.81
N LEU A 6 -21.34 -20.79 -19.17
CA LEU A 6 -21.21 -19.40 -19.55
C LEU A 6 -19.77 -19.02 -19.14
N LYS A 7 -19.22 -19.73 -18.15
CA LYS A 7 -17.87 -19.49 -17.67
C LYS A 7 -16.83 -20.27 -18.48
N LYS A 8 -17.29 -21.25 -19.27
CA LYS A 8 -16.40 -22.07 -20.10
C LYS A 8 -16.29 -21.46 -21.48
N ALA A 9 -17.42 -21.03 -22.01
CA ALA A 9 -17.44 -20.38 -23.32
C ALA A 9 -16.54 -19.16 -23.28
N VAL A 10 -16.65 -18.40 -22.20
CA VAL A 10 -15.84 -17.19 -22.04
C VAL A 10 -14.36 -17.57 -21.80
N GLY A 11 -14.11 -18.70 -21.13
CA GLY A 11 -12.73 -19.12 -20.91
C GLY A 11 -12.06 -19.36 -22.28
N TRP A 12 -12.68 -20.19 -23.10
CA TRP A 12 -12.13 -20.49 -24.41
C TRP A 12 -12.15 -19.26 -25.34
N ALA A 13 -13.16 -18.40 -25.17
CA ALA A 13 -13.25 -17.21 -26.01
C ALA A 13 -11.97 -16.38 -25.90
N ALA A 14 -11.41 -16.31 -24.69
CA ALA A 14 -10.20 -15.52 -24.46
C ALA A 14 -8.93 -16.10 -25.13
N LEU A 15 -8.97 -17.39 -25.48
CA LEU A 15 -7.83 -18.04 -26.10
C LEU A 15 -7.46 -17.36 -27.42
N GLN A 16 -8.40 -16.63 -27.99
CA GLN A 16 -8.15 -15.96 -29.25
C GLN A 16 -7.26 -14.76 -29.03
N TYR A 17 -7.01 -14.43 -27.77
CA TYR A 17 -6.18 -13.27 -27.49
C TYR A 17 -4.76 -13.70 -27.20
N VAL A 18 -4.57 -14.98 -26.89
CA VAL A 18 -3.24 -15.50 -26.62
C VAL A 18 -2.43 -15.45 -27.93
N GLN A 19 -1.24 -14.86 -27.88
CA GLN A 19 -0.43 -14.77 -29.08
C GLN A 19 0.76 -15.71 -28.99
N PRO A 20 0.97 -16.53 -30.02
CA PRO A 20 2.07 -17.50 -30.11
C PRO A 20 3.43 -16.84 -29.80
N GLY A 21 4.29 -17.59 -29.11
CA GLY A 21 5.60 -17.09 -28.74
C GLY A 21 5.65 -16.07 -27.61
N THR A 22 4.57 -15.94 -26.83
CA THR A 22 4.56 -14.97 -25.73
C THR A 22 4.36 -15.60 -24.37
N ILE A 23 4.46 -14.77 -23.33
CA ILE A 23 4.24 -15.21 -21.96
C ILE A 23 2.86 -14.67 -21.58
N VAL A 24 2.04 -15.52 -20.97
CA VAL A 24 0.67 -15.15 -20.58
C VAL A 24 0.46 -14.95 -19.09
N GLY A 25 -0.23 -13.86 -18.73
CA GLY A 25 -0.53 -13.64 -17.33
C GLY A 25 -1.91 -14.25 -17.09
N VAL A 26 -2.02 -15.19 -16.14
CA VAL A 26 -3.31 -15.84 -15.90
C VAL A 26 -3.86 -15.54 -14.52
N GLY A 27 -5.19 -15.45 -14.44
CA GLY A 27 -5.83 -15.14 -13.18
C GLY A 27 -6.10 -16.34 -12.31
N THR A 28 -6.99 -16.14 -11.33
CA THR A 28 -7.35 -17.24 -10.44
C THR A 28 -8.87 -17.29 -10.34
N GLY A 29 -9.41 -18.40 -9.82
CA GLY A 29 -10.85 -18.53 -9.70
C GLY A 29 -11.44 -19.49 -10.71
N SER A 30 -12.70 -19.87 -10.51
CA SER A 30 -13.34 -20.82 -11.41
C SER A 30 -13.32 -20.36 -12.87
N THR A 31 -13.81 -19.17 -13.16
CA THR A 31 -13.82 -18.65 -14.54
C THR A 31 -12.44 -18.75 -15.19
N ALA A 32 -11.41 -18.30 -14.48
CA ALA A 32 -10.02 -18.33 -14.98
C ALA A 32 -9.54 -19.78 -15.18
N ALA A 33 -10.03 -20.68 -14.32
CA ALA A 33 -9.66 -22.09 -14.40
C ALA A 33 -10.03 -22.63 -15.77
N HIS A 34 -11.11 -22.14 -16.35
CA HIS A 34 -11.51 -22.61 -17.66
C HIS A 34 -10.58 -22.08 -18.74
N PHE A 35 -10.03 -20.89 -18.52
CA PHE A 35 -9.10 -20.30 -19.48
C PHE A 35 -7.80 -21.13 -19.43
N ILE A 36 -7.38 -21.48 -18.22
CA ILE A 36 -6.17 -22.28 -18.08
C ILE A 36 -6.35 -23.55 -18.91
N ASP A 37 -7.49 -24.21 -18.72
CA ASP A 37 -7.80 -25.42 -19.48
C ASP A 37 -7.62 -25.18 -20.98
N ALA A 38 -8.18 -24.08 -21.46
CA ALA A 38 -8.09 -23.74 -22.87
C ALA A 38 -6.64 -23.46 -23.26
N LEU A 39 -5.91 -22.80 -22.36
CA LEU A 39 -4.51 -22.45 -22.59
C LEU A 39 -3.63 -23.69 -22.70
N GLY A 40 -3.99 -24.73 -21.93
CA GLY A 40 -3.21 -25.96 -21.98
C GLY A 40 -3.15 -26.42 -23.42
N THR A 41 -4.22 -26.12 -24.14
CA THR A 41 -4.35 -26.45 -25.54
C THR A 41 -3.19 -25.90 -26.39
N MSE A 42 -2.76 -24.67 -26.13
CA MSE A 42 -1.65 -24.07 -26.88
C MSE A 42 -0.29 -24.31 -26.25
O MSE A 42 0.67 -23.61 -26.56
CB MSE A 42 -1.85 -22.57 -27.04
CG MSE A 42 -2.88 -22.20 -28.03
SE MSE A 42 -3.27 -20.35 -27.81
CE MSE A 42 -1.81 -19.55 -28.85
N LYS A 43 -0.20 -25.27 -25.34
CA LYS A 43 1.09 -25.61 -24.74
C LYS A 43 1.97 -25.92 -25.95
N GLY A 44 3.15 -25.30 -26.03
CA GLY A 44 4.01 -25.58 -27.16
C GLY A 44 3.96 -24.47 -28.19
N GLN A 45 2.95 -23.62 -28.08
CA GLN A 45 2.79 -22.49 -28.97
C GLN A 45 3.18 -21.16 -28.28
N ILE A 46 3.22 -21.22 -26.94
CA ILE A 46 3.56 -20.04 -26.11
C ILE A 46 4.77 -20.35 -25.24
N GLU A 47 5.39 -19.31 -24.70
CA GLU A 47 6.57 -19.45 -23.85
C GLU A 47 6.26 -19.90 -22.42
N GLY A 48 5.09 -19.51 -21.93
CA GLY A 48 4.74 -19.88 -20.58
C GLY A 48 3.73 -18.92 -20.00
N ALA A 49 3.74 -18.81 -18.67
CA ALA A 49 2.79 -17.93 -18.04
C ALA A 49 3.29 -17.41 -16.73
N VAL A 50 2.74 -16.27 -16.33
CA VAL A 50 3.06 -15.70 -15.03
C VAL A 50 1.72 -15.92 -14.32
N SER A 51 1.78 -16.65 -13.20
CA SER A 51 0.61 -17.03 -12.41
C SER A 51 0.26 -16.16 -11.21
N SER A 52 -1.03 -15.90 -11.04
CA SER A 52 -1.50 -15.08 -9.93
C SER A 52 -1.84 -15.84 -8.65
N SER A 53 -1.77 -17.17 -8.67
CA SER A 53 -2.05 -17.94 -7.45
C SER A 53 -1.44 -19.33 -7.52
N ASP A 54 -1.18 -19.92 -6.35
CA ASP A 54 -0.63 -21.27 -6.30
C ASP A 54 -1.55 -22.25 -7.01
N ALA A 55 -2.85 -22.11 -6.76
CA ALA A 55 -3.80 -22.99 -7.41
C ALA A 55 -3.54 -22.98 -8.92
N SER A 56 -3.57 -21.78 -9.51
CA SER A 56 -3.32 -21.61 -10.94
C SER A 56 -1.99 -22.20 -11.35
N THR A 57 -0.94 -21.87 -10.60
CA THR A 57 0.41 -22.34 -10.87
C THR A 57 0.44 -23.86 -10.93
N GLU A 58 -0.09 -24.47 -9.88
CA GLU A 58 -0.13 -25.92 -9.80
C GLU A 58 -0.88 -26.50 -10.99
N LYS A 59 -1.89 -25.78 -11.49
CA LYS A 59 -2.67 -26.26 -12.64
C LYS A 59 -1.94 -26.02 -13.96
N LEU A 60 -1.27 -24.88 -14.09
CA LEU A 60 -0.51 -24.57 -15.30
C LEU A 60 0.65 -25.56 -15.38
N LYS A 61 1.32 -25.72 -14.24
CA LYS A 61 2.43 -26.65 -14.17
C LYS A 61 1.95 -28.03 -14.62
N SER A 62 0.76 -28.42 -14.19
CA SER A 62 0.22 -29.73 -14.57
C SER A 62 -0.13 -29.87 -16.06
N LEU A 63 -0.24 -28.76 -16.78
CA LEU A 63 -0.55 -28.84 -18.21
C LEU A 63 0.70 -28.66 -19.02
N GLY A 64 1.86 -28.84 -18.38
CA GLY A 64 3.12 -28.69 -19.08
C GLY A 64 3.37 -27.27 -19.54
N ILE A 65 2.88 -26.29 -18.78
CA ILE A 65 3.13 -24.90 -19.15
C ILE A 65 4.11 -24.33 -18.15
N HIS A 66 5.23 -23.80 -18.63
CA HIS A 66 6.26 -23.25 -17.75
C HIS A 66 5.77 -21.95 -17.13
N VAL A 67 5.92 -21.87 -15.80
CA VAL A 67 5.50 -20.71 -15.03
C VAL A 67 6.67 -19.88 -14.53
N PHE A 68 6.72 -18.62 -14.99
CA PHE A 68 7.79 -17.67 -14.64
C PHE A 68 7.37 -16.85 -13.44
N ASP A 69 8.32 -16.50 -12.57
CA ASP A 69 7.96 -15.67 -11.43
C ASP A 69 7.75 -14.29 -12.00
N LEU A 70 7.16 -13.40 -11.23
CA LEU A 70 6.91 -12.08 -11.73
C LEU A 70 8.21 -11.29 -11.83
N ASN A 71 9.24 -11.80 -11.17
CA ASN A 71 10.53 -11.10 -11.18
C ASN A 71 11.47 -11.72 -12.21
N GLU A 72 10.89 -12.55 -13.07
CA GLU A 72 11.63 -13.16 -14.16
C GLU A 72 11.02 -12.58 -15.42
N VAL A 73 10.20 -11.54 -15.26
CA VAL A 73 9.56 -10.92 -16.41
C VAL A 73 9.64 -9.38 -16.40
N ASP A 74 9.84 -8.79 -17.58
CA ASP A 74 9.99 -7.34 -17.78
C ASP A 74 8.66 -6.65 -18.00
N SER A 75 7.74 -7.37 -18.64
CA SER A 75 6.42 -6.86 -18.99
C SER A 75 5.54 -8.03 -19.37
N LEU A 76 4.31 -7.72 -19.77
CA LEU A 76 3.41 -8.79 -20.14
C LEU A 76 2.49 -8.23 -21.18
N GLY A 77 2.24 -9.01 -22.23
CA GLY A 77 1.32 -8.55 -23.25
C GLY A 77 -0.11 -8.57 -22.73
N ILE A 78 -0.52 -9.72 -22.17
CA ILE A 78 -1.87 -9.87 -21.65
C ILE A 78 -1.99 -10.56 -20.30
N TYR A 79 -3.08 -10.24 -19.61
CA TYR A 79 -3.41 -10.84 -18.33
C TYR A 79 -4.91 -11.12 -18.43
N VAL A 80 -5.26 -12.39 -18.26
CA VAL A 80 -6.64 -12.83 -18.35
C VAL A 80 -7.14 -13.27 -16.98
N ASP A 81 -8.21 -12.62 -16.51
CA ASP A 81 -8.74 -12.92 -15.18
C ASP A 81 -10.22 -12.54 -15.10
N GLY A 82 -10.89 -13.06 -14.08
CA GLY A 82 -12.29 -12.74 -13.89
C GLY A 82 -12.41 -11.52 -12.99
N ALA A 83 -13.62 -11.20 -12.55
CA ALA A 83 -13.87 -10.04 -11.68
C ALA A 83 -15.10 -10.29 -10.82
N ASP A 84 -15.13 -9.70 -9.61
CA ASP A 84 -16.29 -9.86 -8.74
C ASP A 84 -17.42 -8.95 -9.27
N GLU A 85 -17.04 -7.87 -9.94
CA GLU A 85 -17.99 -6.93 -10.53
C GLU A 85 -17.22 -6.13 -11.55
N ILE A 86 -17.93 -5.59 -12.54
CA ILE A 86 -17.33 -4.74 -13.59
C ILE A 86 -18.41 -3.79 -14.07
N ASN A 87 -18.12 -2.49 -14.11
CA ASN A 87 -19.13 -1.54 -14.53
C ASN A 87 -18.98 -1.23 -15.99
N GLY A 88 -19.79 -0.28 -16.46
CA GLY A 88 -19.78 0.09 -17.85
C GLY A 88 -18.48 0.73 -18.27
N HIS A 89 -17.73 1.27 -17.30
CA HIS A 89 -16.46 1.91 -17.62
C HIS A 89 -15.24 1.02 -17.47
N MSE A 90 -15.49 -0.29 -17.52
CA MSE A 90 -14.42 -1.28 -17.45
C MSE A 90 -13.69 -1.30 -16.11
O MSE A 90 -12.68 -1.98 -15.99
CB MSE A 90 -13.42 -1.05 -18.57
CG MSE A 90 -14.08 -0.84 -19.95
SE MSE A 90 -14.76 -2.45 -20.89
CE MSE A 90 -16.20 -2.97 -19.69
N GLN A 91 -14.18 -0.56 -15.13
CA GLN A 91 -13.55 -0.56 -13.82
C GLN A 91 -14.15 -1.77 -13.09
N MSE A 92 -13.36 -2.44 -12.28
CA MSE A 92 -13.83 -3.64 -11.58
C MSE A 92 -13.56 -3.68 -10.07
O MSE A 92 -12.86 -2.83 -9.52
CB MSE A 92 -13.15 -4.86 -12.18
CG MSE A 92 -13.05 -4.85 -13.70
SE MSE A 92 -11.77 -6.19 -14.35
CE MSE A 92 -10.20 -5.01 -14.42
N ILE A 93 -14.14 -4.68 -9.44
CA ILE A 93 -13.91 -4.93 -8.02
C ILE A 93 -13.38 -6.35 -8.08
N LYS A 94 -12.28 -6.63 -7.40
CA LYS A 94 -11.72 -7.98 -7.39
C LYS A 94 -11.16 -8.24 -6.02
N GLY A 95 -10.92 -9.51 -5.71
CA GLY A 95 -10.32 -9.87 -4.43
C GLY A 95 -11.23 -10.61 -3.48
N GLY A 96 -12.51 -10.72 -3.82
CA GLY A 96 -13.43 -11.41 -2.94
C GLY A 96 -12.86 -12.77 -2.59
N GLY A 97 -12.39 -13.48 -3.62
CA GLY A 97 -11.82 -14.79 -3.40
C GLY A 97 -10.38 -14.70 -2.94
N ALA A 98 -9.47 -15.22 -3.75
CA ALA A 98 -8.07 -15.20 -3.38
C ALA A 98 -7.23 -14.20 -4.16
N ALA A 99 -5.94 -14.23 -3.85
CA ALA A 99 -4.89 -13.43 -4.49
C ALA A 99 -5.14 -11.99 -4.90
N LEU A 100 -5.82 -11.22 -4.06
CA LEU A 100 -6.07 -9.80 -4.35
C LEU A 100 -4.78 -9.04 -4.72
N THR A 101 -3.76 -9.12 -3.87
CA THR A 101 -2.53 -8.40 -4.16
C THR A 101 -1.79 -8.87 -5.40
N ARG A 102 -1.50 -10.17 -5.50
CA ARG A 102 -0.78 -10.67 -6.65
C ARG A 102 -1.51 -10.35 -7.96
N GLU A 103 -2.83 -10.51 -7.96
CA GLU A 103 -3.61 -10.23 -9.17
C GLU A 103 -3.45 -8.82 -9.63
N LYS A 104 -3.42 -7.89 -8.68
CA LYS A 104 -3.30 -6.47 -9.04
C LYS A 104 -1.89 -6.08 -9.52
N ILE A 105 -0.87 -6.74 -8.97
CA ILE A 105 0.49 -6.45 -9.36
C ILE A 105 0.77 -6.96 -10.78
N ILE A 106 0.25 -8.16 -11.09
CA ILE A 106 0.47 -8.74 -12.39
C ILE A 106 -0.27 -7.93 -13.42
N ALA A 107 -1.45 -7.43 -13.05
CA ALA A 107 -2.24 -6.63 -13.97
C ALA A 107 -1.56 -5.30 -14.24
N SER A 108 -0.69 -4.86 -13.34
CA SER A 108 -0.01 -3.58 -13.54
C SER A 108 1.15 -3.77 -14.51
N VAL A 109 1.66 -4.99 -14.57
CA VAL A 109 2.76 -5.30 -15.48
C VAL A 109 2.23 -5.61 -16.89
N ALA A 110 0.99 -6.09 -16.96
CA ALA A 110 0.35 -6.46 -18.23
C ALA A 110 -0.11 -5.26 -19.05
N GLU A 111 0.16 -5.32 -20.35
CA GLU A 111 -0.20 -4.26 -21.24
C GLU A 111 -1.72 -4.23 -21.43
N LYS A 112 -2.30 -5.39 -21.71
CA LYS A 112 -3.73 -5.50 -21.95
C LYS A 112 -4.38 -6.42 -20.91
N PHE A 113 -5.45 -5.93 -20.28
CA PHE A 113 -6.15 -6.72 -19.27
C PHE A 113 -7.44 -7.22 -19.91
N ILE A 114 -7.55 -8.54 -19.98
CA ILE A 114 -8.72 -9.19 -20.55
C ILE A 114 -9.57 -9.77 -19.44
N CYS A 115 -10.76 -9.19 -19.24
CA CYS A 115 -11.68 -9.67 -18.21
C CYS A 115 -12.63 -10.71 -18.79
N ILE A 116 -12.66 -11.88 -18.17
CA ILE A 116 -13.56 -12.94 -18.61
C ILE A 116 -14.57 -13.17 -17.48
N ALA A 117 -15.86 -13.07 -17.80
CA ALA A 117 -16.88 -13.26 -16.75
C ALA A 117 -18.30 -13.51 -17.29
N ASP A 118 -19.11 -14.21 -16.50
CA ASP A 118 -20.49 -14.44 -16.94
C ASP A 118 -21.24 -13.11 -16.78
N ALA A 119 -22.44 -13.01 -17.33
CA ALA A 119 -23.17 -11.75 -17.24
C ALA A 119 -23.51 -11.26 -15.82
N SER A 120 -23.50 -12.14 -14.82
CA SER A 120 -23.84 -11.74 -13.46
C SER A 120 -22.86 -10.76 -12.82
N LYS A 121 -21.64 -10.69 -13.35
CA LYS A 121 -20.64 -9.80 -12.80
C LYS A 121 -20.82 -8.39 -13.29
N GLN A 122 -21.67 -8.19 -14.29
CA GLN A 122 -21.86 -6.84 -14.81
C GLN A 122 -22.74 -6.00 -13.88
N VAL A 123 -22.31 -4.78 -13.58
CA VAL A 123 -23.12 -3.92 -12.73
C VAL A 123 -23.03 -2.49 -13.20
N ASP A 124 -24.03 -1.71 -12.80
CA ASP A 124 -24.13 -0.31 -13.14
C ASP A 124 -23.13 0.48 -12.34
N ILE A 125 -23.20 0.29 -11.02
CA ILE A 125 -22.31 0.98 -10.07
C ILE A 125 -21.67 -0.04 -9.12
N LEU A 126 -20.35 0.00 -9.04
CA LEU A 126 -19.64 -0.95 -8.17
C LEU A 126 -19.99 -0.70 -6.69
N GLY A 127 -20.06 -1.75 -5.89
CA GLY A 127 -20.36 -1.56 -4.48
C GLY A 127 -21.21 -2.65 -3.86
N LYS A 128 -22.12 -3.20 -4.65
CA LYS A 128 -23.00 -4.26 -4.17
C LYS A 128 -22.13 -5.35 -3.57
N PHE A 129 -21.13 -5.81 -4.32
CA PHE A 129 -20.24 -6.85 -3.82
C PHE A 129 -19.27 -6.12 -2.86
N PRO A 130 -19.14 -6.60 -1.61
CA PRO A 130 -18.23 -5.92 -0.67
C PRO A 130 -16.81 -5.72 -1.24
N LEU A 131 -16.30 -4.49 -1.12
CA LEU A 131 -14.96 -4.12 -1.59
C LEU A 131 -13.86 -4.63 -0.67
N PRO A 132 -13.07 -5.64 -1.12
CA PRO A 132 -12.01 -6.13 -0.22
C PRO A 132 -10.84 -5.17 -0.13
N VAL A 133 -10.23 -5.09 1.06
CA VAL A 133 -9.09 -4.20 1.32
C VAL A 133 -8.08 -4.94 2.19
N GLU A 134 -6.87 -5.15 1.67
CA GLU A 134 -5.85 -5.87 2.45
C GLU A 134 -5.08 -4.83 3.27
N VAL A 135 -4.89 -5.08 4.55
CA VAL A 135 -4.20 -4.11 5.38
C VAL A 135 -3.19 -4.73 6.35
N ILE A 136 -2.17 -3.96 6.68
CA ILE A 136 -1.16 -4.41 7.64
C ILE A 136 -1.96 -4.65 8.92
N PRO A 137 -1.78 -5.80 9.57
CA PRO A 137 -2.56 -6.04 10.80
C PRO A 137 -2.60 -4.88 11.81
N MSE A 138 -1.43 -4.39 12.20
CA MSE A 138 -1.34 -3.30 13.18
C MSE A 138 -2.20 -2.09 12.86
O MSE A 138 -2.45 -1.26 13.73
CB MSE A 138 0.11 -2.84 13.35
CG MSE A 138 0.64 -2.01 12.18
SE MSE A 138 2.49 -1.34 12.42
CE MSE A 138 3.49 -2.87 11.83
N ALA A 139 -2.66 -1.97 11.62
CA ALA A 139 -3.49 -0.82 11.25
C ALA A 139 -4.95 -1.15 10.98
N ARG A 140 -5.35 -2.39 11.27
CA ARG A 140 -6.73 -2.79 10.99
C ARG A 140 -7.75 -1.78 11.55
N SER A 141 -7.66 -1.48 12.84
CA SER A 141 -8.59 -0.54 13.46
C SER A 141 -8.50 0.84 12.80
N ALA A 142 -7.27 1.28 12.55
CA ALA A 142 -7.08 2.58 11.94
C ALA A 142 -7.80 2.66 10.61
N VAL A 143 -7.51 1.71 9.72
CA VAL A 143 -8.13 1.69 8.41
C VAL A 143 -9.64 1.49 8.50
N ALA A 144 -10.05 0.67 9.44
CA ALA A 144 -11.47 0.42 9.61
C ALA A 144 -12.15 1.76 9.80
N ARG A 145 -11.55 2.61 10.63
CA ARG A 145 -12.16 3.90 10.90
C ARG A 145 -12.20 4.82 9.72
N GLN A 146 -11.16 4.80 8.88
CA GLN A 146 -11.15 5.66 7.71
C GLN A 146 -12.19 5.18 6.71
N LEU A 147 -12.32 3.87 6.57
CA LEU A 147 -13.32 3.34 5.62
C LEU A 147 -14.73 3.79 6.01
N VAL A 148 -15.01 3.78 7.32
CA VAL A 148 -16.31 4.20 7.83
C VAL A 148 -16.44 5.65 7.37
N LYS A 149 -15.43 6.44 7.67
CA LYS A 149 -15.46 7.84 7.29
C LYS A 149 -15.67 8.02 5.77
N LEU A 150 -15.27 7.04 4.97
CA LEU A 150 -15.45 7.15 3.52
C LEU A 150 -16.83 6.68 3.07
N GLY A 151 -17.61 6.11 4.00
CA GLY A 151 -18.96 5.71 3.68
C GLY A 151 -19.30 4.23 3.62
N GLY A 152 -18.39 3.37 4.03
CA GLY A 152 -18.66 1.95 3.96
C GLY A 152 -18.68 1.29 5.32
N ARG A 153 -19.07 0.03 5.37
CA ARG A 153 -19.13 -0.67 6.64
C ARG A 153 -18.11 -1.81 6.59
N PRO A 154 -16.89 -1.56 7.10
CA PRO A 154 -15.80 -2.53 7.14
C PRO A 154 -16.11 -3.76 7.96
N GLU A 155 -15.91 -4.94 7.41
CA GLU A 155 -16.16 -6.14 8.19
C GLU A 155 -14.99 -7.08 8.06
N TYR A 156 -14.15 -7.09 9.08
CA TYR A 156 -12.97 -7.91 9.14
C TYR A 156 -13.21 -9.42 8.97
N ARG A 157 -12.59 -10.02 7.97
CA ARG A 157 -12.70 -11.47 7.71
C ARG A 157 -11.92 -12.25 8.76
N GLN A 158 -12.47 -12.37 9.97
CA GLN A 158 -11.78 -13.08 11.04
C GLN A 158 -11.36 -14.48 10.59
N GLY A 159 -10.17 -14.89 11.06
CA GLY A 159 -9.66 -16.20 10.70
C GLY A 159 -8.71 -16.18 9.51
N VAL A 160 -8.92 -15.25 8.57
CA VAL A 160 -8.08 -15.13 7.36
C VAL A 160 -6.80 -14.32 7.52
N VAL A 161 -5.76 -14.79 6.85
CA VAL A 161 -4.44 -14.16 6.83
C VAL A 161 -3.84 -14.32 5.42
N THR A 162 -3.62 -13.20 4.76
CA THR A 162 -3.03 -13.19 3.42
C THR A 162 -1.69 -13.92 3.42
N ASP A 163 -1.20 -14.27 2.22
CA ASP A 163 0.08 -14.96 2.08
C ASP A 163 1.16 -13.98 2.45
N ASN A 164 0.80 -12.69 2.43
CA ASN A 164 1.73 -11.63 2.80
C ASN A 164 1.53 -11.39 4.30
N GLY A 165 0.80 -12.29 4.95
CA GLY A 165 0.55 -12.17 6.38
C GLY A 165 -0.30 -10.98 6.83
N ASN A 166 -1.21 -10.52 5.97
CA ASN A 166 -2.08 -9.38 6.27
C ASN A 166 -3.52 -9.80 6.52
N VAL A 167 -4.35 -8.85 6.96
CA VAL A 167 -5.74 -9.20 7.19
C VAL A 167 -6.56 -8.59 6.08
N ILE A 168 -7.83 -8.95 6.03
CA ILE A 168 -8.69 -8.38 5.03
C ILE A 168 -9.94 -7.76 5.65
N LEU A 169 -10.31 -6.60 5.13
CA LEU A 169 -11.49 -5.89 5.57
C LEU A 169 -12.37 -5.84 4.33
N ASP A 170 -13.60 -6.35 4.42
CA ASP A 170 -14.52 -6.31 3.27
C ASP A 170 -15.46 -5.15 3.55
N VAL A 171 -15.45 -4.14 2.68
CA VAL A 171 -16.28 -2.96 2.86
C VAL A 171 -17.63 -3.05 2.21
N HIS A 172 -18.69 -3.06 3.02
CA HIS A 172 -20.04 -3.17 2.48
C HIS A 172 -20.73 -1.82 2.33
N GLY A 173 -21.91 -1.86 1.72
CA GLY A 173 -22.74 -0.68 1.55
C GLY A 173 -22.22 0.53 0.81
N MSE A 174 -21.02 0.49 0.27
CA MSE A 174 -20.54 1.66 -0.45
C MSE A 174 -21.21 1.74 -1.82
O MSE A 174 -21.50 0.70 -2.43
CB MSE A 174 -19.03 1.59 -0.66
CG MSE A 174 -18.17 1.71 0.58
SE MSE A 174 -16.30 2.04 0.09
CE MSE A 174 -16.01 3.63 1.16
N GLU A 175 -21.48 2.95 -2.30
CA GLU A 175 -22.06 3.12 -3.64
C GLU A 175 -20.93 3.84 -4.36
N ILE A 176 -19.97 3.07 -4.84
CA ILE A 176 -18.80 3.63 -5.50
C ILE A 176 -19.08 4.26 -6.83
N LEU A 177 -19.62 5.48 -6.79
CA LEU A 177 -19.98 6.24 -7.99
C LEU A 177 -18.80 6.68 -8.82
N ASP A 178 -17.64 6.90 -8.17
CA ASP A 178 -16.39 7.32 -8.84
C ASP A 178 -15.24 6.40 -8.38
N PRO A 179 -15.16 5.20 -8.96
CA PRO A 179 -14.14 4.21 -8.63
C PRO A 179 -12.71 4.75 -8.63
N ILE A 180 -12.38 5.66 -9.55
CA ILE A 180 -11.02 6.14 -9.53
C ILE A 180 -10.76 6.93 -8.25
N ALA A 181 -11.62 7.90 -7.94
CA ALA A 181 -11.43 8.68 -6.71
C ALA A 181 -11.46 7.80 -5.47
N MSE A 182 -12.25 6.72 -5.49
CA MSE A 182 -12.31 5.85 -4.32
C MSE A 182 -11.07 4.99 -4.18
O MSE A 182 -10.60 4.73 -3.06
CB MSE A 182 -13.56 4.97 -4.38
CG MSE A 182 -13.82 4.20 -3.09
SE MSE A 182 -14.19 5.38 -1.56
CE MSE A 182 -13.17 4.47 -0.21
N GLU A 183 -10.53 4.51 -5.29
CA GLU A 183 -9.32 3.71 -5.25
C GLU A 183 -8.21 4.62 -4.73
N ASN A 184 -8.18 5.86 -5.22
CA ASN A 184 -7.17 6.82 -4.75
C ASN A 184 -7.30 7.11 -3.24
N ALA A 185 -8.52 7.34 -2.79
CA ALA A 185 -8.77 7.65 -1.38
C ALA A 185 -8.32 6.54 -0.46
N ILE A 186 -8.57 5.29 -0.83
CA ILE A 186 -8.16 4.17 0.03
C ILE A 186 -6.67 3.84 -0.10
N ASN A 187 -6.08 4.05 -1.27
CA ASN A 187 -4.66 3.77 -1.41
C ASN A 187 -3.90 4.78 -0.57
N ALA A 188 -4.54 5.91 -0.27
CA ALA A 188 -3.87 6.94 0.53
C ALA A 188 -3.82 6.63 2.01
N ILE A 189 -4.62 5.65 2.45
CA ILE A 189 -4.64 5.29 3.87
C ILE A 189 -3.47 4.44 4.37
N PRO A 190 -2.58 5.00 5.21
CA PRO A 190 -1.45 4.22 5.70
C PRO A 190 -1.97 2.92 6.32
N GLY A 191 -1.33 1.79 6.03
CA GLY A 191 -1.81 0.53 6.58
C GLY A 191 -2.47 -0.27 5.47
N VAL A 192 -2.99 0.43 4.47
CA VAL A 192 -3.61 -0.23 3.36
C VAL A 192 -2.52 -0.76 2.41
N VAL A 193 -2.66 -2.02 2.02
CA VAL A 193 -1.69 -2.63 1.14
C VAL A 193 -2.30 -2.63 -0.24
N THR A 194 -3.53 -3.12 -0.34
CA THR A 194 -4.21 -3.21 -1.62
C THR A 194 -5.73 -3.02 -1.47
N VAL A 195 -6.34 -2.28 -2.40
CA VAL A 195 -7.81 -2.05 -2.43
C VAL A 195 -8.25 -2.84 -3.66
N GLY A 196 -9.28 -3.66 -3.53
CA GLY A 196 -9.74 -4.43 -4.67
C GLY A 196 -10.48 -3.61 -5.74
N LEU A 197 -9.98 -2.40 -6.01
CA LEU A 197 -10.60 -1.56 -7.03
C LEU A 197 -9.58 -1.41 -8.15
N PHE A 198 -9.91 -1.94 -9.32
CA PHE A 198 -9.02 -1.79 -10.48
C PHE A 198 -9.72 -0.72 -11.27
N ALA A 199 -9.46 0.53 -10.91
CA ALA A 199 -10.10 1.64 -11.59
C ALA A 199 -9.12 2.47 -12.40
N ASN A 200 -7.93 2.79 -11.85
CA ASN A 200 -6.98 3.58 -12.65
C ASN A 200 -6.48 2.70 -13.77
N ARG A 201 -6.48 1.40 -13.52
CA ARG A 201 -6.07 0.40 -14.49
C ARG A 201 -7.19 -0.62 -14.47
N GLY A 202 -8.13 -0.48 -15.40
CA GLY A 202 -9.26 -1.39 -15.46
C GLY A 202 -9.09 -2.40 -16.58
N ALA A 203 -10.20 -2.96 -17.03
CA ALA A 203 -10.18 -3.95 -18.11
C ALA A 203 -10.06 -3.19 -19.42
N ASP A 204 -9.31 -3.75 -20.36
CA ASP A 204 -9.14 -3.11 -21.67
C ASP A 204 -10.12 -3.81 -22.58
N VAL A 205 -10.34 -5.10 -22.30
CA VAL A 205 -11.29 -5.92 -23.07
C VAL A 205 -12.12 -6.77 -22.10
N ALA A 206 -13.39 -6.94 -22.41
CA ALA A 206 -14.24 -7.74 -21.56
C ALA A 206 -15.03 -8.75 -22.39
N LEU A 207 -14.85 -10.03 -22.06
CA LEU A 207 -15.54 -11.12 -22.72
C LEU A 207 -16.61 -11.53 -21.72
N ILE A 208 -17.85 -11.23 -22.05
CA ILE A 208 -18.95 -11.54 -21.16
C ILE A 208 -19.83 -12.63 -21.73
N GLY A 209 -19.97 -13.71 -20.97
CA GLY A 209 -20.80 -14.81 -21.38
C GLY A 209 -22.27 -14.53 -21.13
N THR A 210 -23.00 -14.34 -22.21
CA THR A 210 -24.44 -14.09 -22.15
C THR A 210 -25.12 -15.31 -22.79
N PRO A 211 -26.31 -15.68 -22.32
CA PRO A 211 -27.02 -16.85 -22.89
C PRO A 211 -27.09 -16.82 -24.42
N ASP A 212 -27.00 -15.61 -24.99
CA ASP A 212 -27.06 -15.38 -26.43
C ASP A 212 -25.68 -15.49 -27.07
N GLY A 213 -24.68 -15.89 -26.29
CA GLY A 213 -23.33 -16.02 -26.81
C GLY A 213 -22.23 -15.52 -25.88
N VAL A 214 -21.50 -14.51 -26.37
CA VAL A 214 -20.38 -13.91 -25.64
C VAL A 214 -20.15 -12.52 -26.20
N LYS A 215 -20.58 -11.49 -25.49
CA LYS A 215 -20.36 -10.15 -26.01
C LYS A 215 -18.95 -9.71 -25.70
N THR A 216 -18.41 -8.89 -26.59
CA THR A 216 -17.06 -8.38 -26.43
C THR A 216 -17.07 -6.86 -26.31
N ILE A 217 -16.67 -6.35 -25.14
CA ILE A 217 -16.61 -4.91 -24.91
C ILE A 217 -15.14 -4.50 -25.00
N VAL A 218 -14.91 -3.32 -25.58
CA VAL A 218 -13.55 -2.84 -25.78
C VAL A 218 -13.39 -1.38 -25.40
N LYS A 219 -12.13 -0.95 -25.34
CA LYS A 219 -11.72 0.39 -24.99
C LYS A 219 -12.08 0.62 -23.51
N MSE B 1 25.25 24.84 18.95
CA MSE B 1 26.14 23.93 19.72
C MSE B 1 26.64 22.81 18.81
O MSE B 1 27.06 23.05 17.68
CB MSE B 1 25.37 23.35 20.91
CG MSE B 1 24.58 24.36 21.73
SE MSE B 1 22.90 24.84 20.85
CE MSE B 1 21.64 23.86 22.04
N THR B 2 26.60 21.57 19.31
CA THR B 2 27.02 20.41 18.54
C THR B 2 25.75 19.74 18.02
N GLN B 3 25.78 19.25 16.79
CA GLN B 3 24.63 18.60 16.18
C GLN B 3 23.78 17.76 17.13
N ASP B 4 24.42 17.07 18.05
CA ASP B 4 23.69 16.23 19.00
C ASP B 4 22.94 17.04 20.07
N GLU B 5 23.47 18.19 20.47
CA GLU B 5 22.76 18.97 21.47
C GLU B 5 21.65 19.69 20.78
N LEU B 6 21.83 19.89 19.48
CA LEU B 6 20.80 20.53 18.70
C LEU B 6 19.63 19.51 18.65
N LYS B 7 19.95 18.23 18.83
CA LYS B 7 18.93 17.18 18.84
C LYS B 7 18.32 16.95 20.23
N LYS B 8 18.99 17.44 21.26
CA LYS B 8 18.54 17.32 22.63
C LYS B 8 17.64 18.52 22.97
N ALA B 9 18.08 19.71 22.60
CA ALA B 9 17.32 20.93 22.86
C ALA B 9 15.94 20.79 22.22
N VAL B 10 15.92 20.21 21.04
CA VAL B 10 14.67 20.03 20.32
C VAL B 10 13.87 18.86 20.94
N GLY B 11 14.55 17.85 21.45
CA GLY B 11 13.85 16.77 22.11
C GLY B 11 13.08 17.27 23.34
N TRP B 12 13.73 18.09 24.17
CA TRP B 12 13.08 18.62 25.36
C TRP B 12 12.10 19.74 25.00
N ALA B 13 12.38 20.45 23.91
CA ALA B 13 11.51 21.54 23.51
C ALA B 13 10.10 21.04 23.27
N ALA B 14 10.00 19.83 22.70
CA ALA B 14 8.71 19.21 22.39
C ALA B 14 7.89 18.81 23.60
N LEU B 15 8.56 18.70 24.74
CA LEU B 15 7.89 18.29 25.98
C LEU B 15 6.80 19.28 26.35
N GLN B 16 6.89 20.49 25.82
CA GLN B 16 5.89 21.51 26.09
C GLN B 16 4.60 21.21 25.35
N TYR B 17 4.63 20.21 24.49
CA TYR B 17 3.43 19.89 23.74
C TYR B 17 2.71 18.72 24.38
N VAL B 18 3.41 17.98 25.24
CA VAL B 18 2.79 16.84 25.91
C VAL B 18 1.76 17.37 26.88
N GLN B 19 0.53 16.86 26.82
CA GLN B 19 -0.50 17.32 27.73
C GLN B 19 -0.81 16.28 28.75
N PRO B 20 -0.86 16.68 30.03
CA PRO B 20 -1.15 15.80 31.16
C PRO B 20 -2.42 14.98 30.92
N GLY B 21 -2.43 13.74 31.40
CA GLY B 21 -3.60 12.90 31.22
C GLY B 21 -3.87 12.35 29.82
N THR B 22 -2.89 12.44 28.93
CA THR B 22 -3.07 11.91 27.56
C THR B 22 -2.11 10.77 27.20
N ILE B 23 -2.32 10.19 26.02
CA ILE B 23 -1.45 9.12 25.53
C ILE B 23 -0.65 9.81 24.44
N VAL B 24 0.67 9.59 24.45
CA VAL B 24 1.60 10.21 23.50
C VAL B 24 2.12 9.27 22.44
N GLY B 25 2.13 9.73 21.19
CA GLY B 25 2.67 8.91 20.12
C GLY B 25 4.14 9.30 20.01
N VAL B 26 5.04 8.34 20.09
CA VAL B 26 6.47 8.66 19.99
C VAL B 26 7.13 8.05 18.78
N GLY B 27 8.10 8.76 18.24
CA GLY B 27 8.80 8.30 17.06
C GLY B 27 10.00 7.41 17.36
N THR B 28 10.87 7.27 16.38
CA THR B 28 12.05 6.44 16.57
C THR B 28 13.26 7.21 16.08
N GLY B 29 14.47 6.78 16.44
CA GLY B 29 15.64 7.50 15.98
C GLY B 29 16.35 8.28 17.06
N SER B 30 17.57 8.73 16.79
CA SER B 30 18.33 9.47 17.78
C SER B 30 17.60 10.72 18.29
N THR B 31 17.12 11.58 17.38
CA THR B 31 16.40 12.78 17.80
C THR B 31 15.22 12.45 18.72
N ALA B 32 14.39 11.49 18.31
CA ALA B 32 13.24 11.05 19.08
C ALA B 32 13.68 10.46 20.43
N ALA B 33 14.82 9.80 20.45
CA ALA B 33 15.33 9.21 21.68
C ALA B 33 15.49 10.27 22.76
N HIS B 34 15.81 11.49 22.36
CA HIS B 34 15.96 12.55 23.34
C HIS B 34 14.60 12.97 23.86
N PHE B 35 13.58 12.89 23.02
CA PHE B 35 12.22 13.26 23.44
C PHE B 35 11.71 12.22 24.44
N ILE B 36 12.01 10.95 24.18
CA ILE B 36 11.63 9.89 25.10
C ILE B 36 12.25 10.20 26.46
N ASP B 37 13.53 10.56 26.47
CA ASP B 37 14.22 10.89 27.69
C ASP B 37 13.48 12.01 28.42
N ALA B 38 13.07 13.02 27.67
CA ALA B 38 12.36 14.14 28.28
C ALA B 38 10.97 13.72 28.77
N LEU B 39 10.33 12.84 28.02
CA LEU B 39 9.02 12.34 28.37
C LEU B 39 9.04 11.51 29.65
N GLY B 40 10.14 10.79 29.87
CA GLY B 40 10.26 9.98 31.08
C GLY B 40 10.02 10.87 32.27
N THR B 41 10.46 12.11 32.13
CA THR B 41 10.30 13.13 33.14
C THR B 41 8.85 13.31 33.58
N MSE B 42 7.91 13.23 32.65
CA MSE B 42 6.51 13.38 32.99
C MSE B 42 5.81 12.05 33.24
O MSE B 42 4.60 11.96 33.16
CB MSE B 42 5.75 14.10 31.87
CG MSE B 42 5.93 15.59 31.86
SE MSE B 42 5.19 16.30 30.21
CE MSE B 42 3.32 16.44 30.67
N LYS B 43 6.59 11.00 33.51
CA LYS B 43 5.99 9.71 33.82
C LYS B 43 5.13 10.03 35.04
N GLY B 44 3.88 9.60 35.04
CA GLY B 44 3.03 9.88 36.19
C GLY B 44 2.08 11.02 35.92
N GLN B 45 2.36 11.81 34.88
CA GLN B 45 1.51 12.93 34.49
C GLN B 45 0.70 12.60 33.23
N ILE B 46 1.14 11.57 32.50
CA ILE B 46 0.47 11.11 31.27
C ILE B 46 -0.01 9.67 31.41
N GLU B 47 -0.88 9.25 30.49
CA GLU B 47 -1.41 7.88 30.52
C GLU B 47 -0.44 6.85 29.95
N GLY B 48 0.32 7.25 28.95
CA GLY B 48 1.26 6.32 28.37
C GLY B 48 1.67 6.76 27.00
N ALA B 49 2.00 5.80 26.14
CA ALA B 49 2.43 6.16 24.81
C ALA B 49 2.19 5.05 23.85
N VAL B 50 2.04 5.43 22.58
CA VAL B 50 1.91 4.47 21.49
C VAL B 50 3.26 4.60 20.80
N SER B 51 4.01 3.49 20.77
CA SER B 51 5.35 3.45 20.20
C SER B 51 5.46 3.01 18.74
N SER B 52 6.35 3.69 17.99
CA SER B 52 6.59 3.39 16.59
C SER B 52 7.69 2.35 16.32
N SER B 53 8.36 1.88 17.36
CA SER B 53 9.42 0.92 17.14
C SER B 53 9.76 0.18 18.43
N ASP B 54 10.32 -1.02 18.28
CA ASP B 54 10.70 -1.82 19.44
C ASP B 54 11.73 -1.06 20.26
N ALA B 55 12.71 -0.48 19.58
CA ALA B 55 13.73 0.27 20.28
C ALA B 55 13.05 1.26 21.22
N SER B 56 12.16 2.10 20.66
CA SER B 56 11.41 3.10 21.44
C SER B 56 10.61 2.48 22.57
N THR B 57 9.88 1.41 22.24
CA THR B 57 9.06 0.72 23.21
C THR B 57 9.92 0.26 24.38
N GLU B 58 11.01 -0.40 24.07
CA GLU B 58 11.90 -0.91 25.08
C GLU B 58 12.43 0.23 25.94
N LYS B 59 12.57 1.42 25.37
CA LYS B 59 13.08 2.54 26.14
C LYS B 59 11.98 3.20 26.97
N LEU B 60 10.78 3.25 26.40
CA LEU B 60 9.65 3.82 27.11
C LEU B 60 9.36 2.89 28.28
N LYS B 61 9.31 1.61 27.99
CA LYS B 61 9.02 0.62 29.00
C LYS B 61 10.03 0.82 30.11
N SER B 62 11.28 1.07 29.77
CA SER B 62 12.32 1.24 30.79
C SER B 62 12.21 2.50 31.64
N LEU B 63 11.37 3.45 31.23
CA LEU B 63 11.21 4.68 32.01
C LEU B 63 9.92 4.63 32.75
N GLY B 64 9.36 3.44 32.87
CA GLY B 64 8.09 3.32 33.57
C GLY B 64 6.92 3.95 32.84
N ILE B 65 6.97 3.97 31.52
CA ILE B 65 5.87 4.54 30.78
C ILE B 65 5.11 3.40 30.11
N HIS B 66 3.82 3.29 30.38
CA HIS B 66 3.02 2.21 29.80
C HIS B 66 2.83 2.41 28.30
N VAL B 67 3.12 1.36 27.54
CA VAL B 67 2.99 1.42 26.09
C VAL B 67 1.75 0.67 25.57
N PHE B 68 0.87 1.41 24.89
CA PHE B 68 -0.35 0.82 24.32
C PHE B 68 -0.11 0.40 22.87
N ASP B 69 -0.79 -0.66 22.43
CA ASP B 69 -0.62 -1.06 21.05
C ASP B 69 -1.45 -0.06 20.29
N LEU B 70 -1.25 0.02 18.99
CA LEU B 70 -2.01 0.97 18.19
C LEU B 70 -3.46 0.51 18.06
N ASN B 71 -3.74 -0.75 18.43
CA ASN B 71 -5.10 -1.24 18.35
C ASN B 71 -5.78 -1.20 19.70
N GLU B 72 -5.14 -0.50 20.62
CA GLU B 72 -5.71 -0.31 21.96
C GLU B 72 -6.04 1.17 22.05
N VAL B 73 -5.92 1.87 20.90
CA VAL B 73 -6.19 3.29 20.85
C VAL B 73 -7.12 3.74 19.71
N ASP B 74 -7.98 4.71 20.00
CA ASP B 74 -9.01 5.26 19.10
C ASP B 74 -8.48 6.44 18.29
N SER B 75 -7.57 7.18 18.89
CA SER B 75 -7.00 8.35 18.24
C SER B 75 -5.80 8.77 19.04
N LEU B 76 -5.16 9.86 18.64
CA LEU B 76 -3.98 10.32 19.36
C LEU B 76 -3.93 11.82 19.26
N GLY B 77 -3.66 12.51 20.37
CA GLY B 77 -3.56 13.96 20.29
C GLY B 77 -2.32 14.40 19.54
N ILE B 78 -1.16 13.85 19.92
CA ILE B 78 0.10 14.20 19.30
C ILE B 78 1.02 13.01 18.99
N TYR B 79 1.86 13.23 17.98
CA TYR B 79 2.85 12.26 17.57
C TYR B 79 4.12 13.08 17.38
N VAL B 80 5.18 12.71 18.10
CA VAL B 80 6.46 13.43 18.04
C VAL B 80 7.53 12.54 17.43
N ASP B 81 8.08 12.99 16.30
CA ASP B 81 9.09 12.22 15.57
C ASP B 81 10.00 13.13 14.77
N GLY B 82 11.11 12.58 14.29
CA GLY B 82 12.03 13.36 13.49
C GLY B 82 11.71 13.14 12.03
N ALA B 83 12.60 13.56 11.14
CA ALA B 83 12.40 13.41 9.70
C ALA B 83 13.74 13.38 8.98
N ASP B 84 13.80 12.71 7.84
CA ASP B 84 15.03 12.68 7.06
C ASP B 84 15.19 14.03 6.33
N GLU B 85 14.06 14.65 6.01
CA GLU B 85 14.01 15.96 5.34
C GLU B 85 12.62 16.55 5.57
N ILE B 86 12.54 17.88 5.54
CA ILE B 86 11.28 18.61 5.69
C ILE B 86 11.39 19.90 4.88
N ASN B 87 10.42 20.17 4.01
CA ASN B 87 10.50 21.38 3.21
C ASN B 87 9.74 22.50 3.89
N GLY B 88 9.61 23.61 3.19
CA GLY B 88 8.93 24.76 3.74
C GLY B 88 7.45 24.56 3.91
N HIS B 89 6.89 23.57 3.22
CA HIS B 89 5.46 23.30 3.34
C HIS B 89 5.16 22.18 4.32
N MSE B 90 6.08 21.95 5.25
CA MSE B 90 5.89 20.94 6.27
C MSE B 90 5.77 19.52 5.76
O MSE B 90 5.39 18.63 6.49
CB MSE B 90 4.65 21.28 7.10
CG MSE B 90 4.57 22.75 7.52
SE MSE B 90 5.59 23.22 9.08
CE MSE B 90 7.37 23.08 8.27
N GLN B 91 6.06 19.31 4.49
CA GLN B 91 5.98 17.96 3.94
C GLN B 91 7.35 17.35 4.21
N MSE B 92 7.39 16.06 4.51
CA MSE B 92 8.65 15.40 4.88
C MSE B 92 8.97 14.12 4.12
O MSE B 92 8.15 13.59 3.39
CB MSE B 92 8.62 15.03 6.37
CG MSE B 92 8.08 16.12 7.31
SE MSE B 92 7.62 15.45 9.11
CE MSE B 92 5.76 14.99 8.67
N ILE B 93 10.20 13.65 4.31
CA ILE B 93 10.63 12.37 3.76
C ILE B 93 11.04 11.64 5.05
N LYS B 94 10.56 10.42 5.23
CA LYS B 94 10.90 9.65 6.41
C LYS B 94 11.11 8.22 6.00
N GLY B 95 11.73 7.42 6.87
CA GLY B 95 11.94 6.01 6.57
C GLY B 95 13.37 5.58 6.31
N GLY B 96 14.27 6.55 6.15
CA GLY B 96 15.66 6.22 5.90
C GLY B 96 16.13 5.18 6.87
N GLY B 97 15.87 5.43 8.15
CA GLY B 97 16.27 4.48 9.17
C GLY B 97 15.28 3.34 9.32
N ALA B 98 14.67 3.28 10.50
CA ALA B 98 13.71 2.23 10.77
C ALA B 98 12.24 2.66 10.74
N ALA B 99 11.38 1.66 10.99
CA ALA B 99 9.92 1.78 11.10
C ALA B 99 9.13 2.68 10.16
N LEU B 100 9.48 2.71 8.88
CA LEU B 100 8.75 3.53 7.92
C LEU B 100 7.23 3.34 8.02
N THR B 101 6.78 2.09 7.92
CA THR B 101 5.35 1.83 7.95
C THR B 101 4.68 2.16 9.25
N ARG B 102 5.19 1.65 10.36
CA ARG B 102 4.56 1.94 11.66
C ARG B 102 4.46 3.43 11.92
N GLU B 103 5.54 4.17 11.62
CA GLU B 103 5.58 5.61 11.85
C GLU B 103 4.49 6.33 11.08
N LYS B 104 4.24 5.88 9.86
CA LYS B 104 3.24 6.56 9.05
C LYS B 104 1.81 6.24 9.51
N ILE B 105 1.60 5.03 10.01
CA ILE B 105 0.27 4.64 10.47
C ILE B 105 -0.08 5.37 11.77
N ILE B 106 0.88 5.48 12.67
CA ILE B 106 0.61 6.15 13.92
C ILE B 106 0.39 7.62 13.66
N ALA B 107 1.11 8.19 12.69
CA ALA B 107 0.95 9.59 12.36
C ALA B 107 -0.43 9.83 11.75
N SER B 108 -1.03 8.80 11.17
CA SER B 108 -2.34 9.01 10.55
C SER B 108 -3.43 9.06 11.63
N VAL B 109 -3.16 8.40 12.74
CA VAL B 109 -4.07 8.33 13.87
C VAL B 109 -3.93 9.57 14.76
N ALA B 110 -2.76 10.21 14.71
CA ALA B 110 -2.49 11.39 15.51
C ALA B 110 -3.11 12.67 14.92
N GLU B 111 -3.67 13.48 15.79
CA GLU B 111 -4.30 14.72 15.40
C GLU B 111 -3.26 15.74 15.01
N LYS B 112 -2.23 15.88 15.84
CA LYS B 112 -1.16 16.83 15.60
C LYS B 112 0.19 16.12 15.46
N PHE B 113 0.93 16.42 14.37
CA PHE B 113 2.23 15.82 14.15
C PHE B 113 3.29 16.86 14.47
N ILE B 114 4.10 16.56 15.48
CA ILE B 114 5.18 17.45 15.87
C ILE B 114 6.52 16.93 15.38
N CYS B 115 7.14 17.63 14.45
CA CYS B 115 8.42 17.24 13.90
C CYS B 115 9.54 17.88 14.70
N ILE B 116 10.48 17.07 15.19
CA ILE B 116 11.61 17.57 15.94
C ILE B 116 12.85 17.23 15.12
N ALA B 117 13.69 18.22 14.84
CA ALA B 117 14.88 17.95 14.04
C ALA B 117 15.91 19.08 14.05
N ASP B 118 17.17 18.73 13.84
CA ASP B 118 18.19 19.77 13.78
C ASP B 118 18.07 20.48 12.43
N ALA B 119 18.71 21.63 12.31
CA ALA B 119 18.62 22.41 11.08
C ALA B 119 19.04 21.70 9.80
N SER B 120 19.84 20.66 9.90
CA SER B 120 20.29 19.96 8.68
C SER B 120 19.20 19.22 7.92
N LYS B 121 18.07 18.95 8.57
CA LYS B 121 16.97 18.25 7.92
C LYS B 121 16.12 19.21 7.10
N GLN B 122 16.34 20.51 7.24
CA GLN B 122 15.53 21.44 6.46
C GLN B 122 16.00 21.51 5.01
N VAL B 123 15.07 21.43 4.07
CA VAL B 123 15.43 21.54 2.67
C VAL B 123 14.38 22.33 1.89
N ASP B 124 14.81 22.80 0.72
CA ASP B 124 13.96 23.59 -0.17
C ASP B 124 13.00 22.65 -0.88
N ILE B 125 13.58 21.62 -1.51
CA ILE B 125 12.82 20.63 -2.27
C ILE B 125 13.23 19.24 -1.85
N LEU B 126 12.25 18.41 -1.48
CA LEU B 126 12.53 17.05 -1.04
C LEU B 126 13.14 16.24 -2.20
N GLY B 127 14.05 15.32 -1.89
CA GLY B 127 14.64 14.53 -2.96
C GLY B 127 16.11 14.19 -2.77
N LYS B 128 16.86 15.13 -2.19
CA LYS B 128 18.27 14.91 -1.95
C LYS B 128 18.47 13.61 -1.17
N PHE B 129 17.73 13.45 -0.09
CA PHE B 129 17.83 12.22 0.69
C PHE B 129 16.97 11.19 -0.08
N PRO B 130 17.54 10.02 -0.41
CA PRO B 130 16.78 9.00 -1.15
C PRO B 130 15.43 8.70 -0.50
N LEU B 131 14.38 8.68 -1.32
CA LEU B 131 13.00 8.42 -0.88
C LEU B 131 12.75 6.93 -0.66
N PRO B 132 12.60 6.50 0.61
CA PRO B 132 12.37 5.07 0.84
C PRO B 132 10.97 4.58 0.44
N VAL B 133 10.89 3.39 -0.12
CA VAL B 133 9.59 2.83 -0.54
C VAL B 133 9.55 1.35 -0.15
N GLU B 134 8.60 1.00 0.71
CA GLU B 134 8.48 -0.40 1.14
C GLU B 134 7.59 -1.13 0.12
N VAL B 135 8.03 -2.27 -0.37
CA VAL B 135 7.20 -2.97 -1.33
C VAL B 135 7.09 -4.48 -1.06
N ILE B 136 6.00 -5.08 -1.52
CA ILE B 136 5.81 -6.53 -1.37
C ILE B 136 6.98 -7.15 -2.21
N PRO B 137 7.73 -8.10 -1.65
CA PRO B 137 8.83 -8.67 -2.43
C PRO B 137 8.51 -9.03 -3.88
N MSE B 138 7.50 -9.86 -4.09
CA MSE B 138 7.13 -10.28 -5.45
C MSE B 138 6.97 -9.13 -6.44
O MSE B 138 6.98 -9.36 -7.65
CB MSE B 138 5.81 -11.07 -5.43
CG MSE B 138 4.55 -10.18 -5.28
SE MSE B 138 2.88 -11.19 -5.44
CE MSE B 138 2.77 -11.88 -3.58
N ALA B 139 6.84 -7.89 -5.96
CA ALA B 139 6.65 -6.78 -6.88
C ALA B 139 7.84 -5.83 -6.98
N ARG B 140 8.96 -6.21 -6.37
CA ARG B 140 10.14 -5.34 -6.37
C ARG B 140 10.48 -4.85 -7.75
N SER B 141 10.70 -5.77 -8.69
CA SER B 141 11.03 -5.40 -10.06
C SER B 141 9.96 -4.52 -10.71
N ALA B 142 8.70 -4.88 -10.50
CA ALA B 142 7.59 -4.11 -11.06
C ALA B 142 7.66 -2.66 -10.57
N VAL B 143 7.70 -2.49 -9.26
CA VAL B 143 7.76 -1.15 -8.70
C VAL B 143 9.05 -0.41 -9.11
N ALA B 144 10.17 -1.13 -9.14
CA ALA B 144 11.43 -0.51 -9.54
C ALA B 144 11.20 0.13 -10.91
N ARG B 145 10.57 -0.57 -11.83
CA ARG B 145 10.33 0.01 -13.15
C ARG B 145 9.43 1.24 -13.14
N GLN B 146 8.37 1.25 -12.32
CA GLN B 146 7.48 2.40 -12.26
C GLN B 146 8.22 3.60 -11.68
N LEU B 147 9.05 3.36 -10.66
CA LEU B 147 9.78 4.48 -10.06
C LEU B 147 10.71 5.12 -11.10
N VAL B 148 11.35 4.29 -11.92
CA VAL B 148 12.22 4.79 -12.96
C VAL B 148 11.37 5.66 -13.85
N LYS B 149 10.23 5.13 -14.26
CA LYS B 149 9.31 5.89 -15.11
C LYS B 149 8.89 7.21 -14.45
N LEU B 150 8.86 7.24 -13.12
CA LEU B 150 8.48 8.48 -12.43
C LEU B 150 9.67 9.44 -12.25
N GLY B 151 10.86 9.02 -12.66
CA GLY B 151 12.01 9.89 -12.60
C GLY B 151 13.09 9.65 -11.57
N GLY B 152 13.06 8.54 -10.86
CA GLY B 152 14.08 8.34 -9.85
C GLY B 152 14.87 7.10 -10.12
N ARG B 153 15.94 6.90 -9.38
CA ARG B 153 16.78 5.74 -9.57
C ARG B 153 16.66 4.81 -8.35
N PRO B 154 15.76 3.80 -8.43
CA PRO B 154 15.52 2.83 -7.35
C PRO B 154 16.75 2.00 -7.03
N GLU B 155 17.12 1.91 -5.76
CA GLU B 155 18.24 1.09 -5.39
C GLU B 155 17.84 0.20 -4.22
N TYR B 156 17.58 -1.06 -4.53
CA TYR B 156 17.17 -2.05 -3.56
C TYR B 156 18.19 -2.24 -2.44
N ARG B 157 17.74 -2.07 -1.18
CA ARG B 157 18.58 -2.26 0.02
C ARG B 157 18.82 -3.74 0.28
N GLN B 158 19.66 -4.38 -0.54
CA GLN B 158 19.90 -5.82 -0.36
C GLN B 158 20.24 -6.15 1.07
N GLY B 159 19.73 -7.30 1.53
CA GLY B 159 19.99 -7.73 2.89
C GLY B 159 18.88 -7.37 3.86
N VAL B 160 18.19 -6.26 3.62
CA VAL B 160 17.13 -5.81 4.51
C VAL B 160 15.73 -6.41 4.25
N VAL B 161 15.02 -6.66 5.35
CA VAL B 161 13.66 -7.20 5.31
C VAL B 161 12.86 -6.55 6.42
N THR B 162 11.82 -5.81 6.04
CA THR B 162 10.95 -5.14 7.00
C THR B 162 10.38 -6.15 8.01
N ASP B 163 9.82 -5.63 9.10
CA ASP B 163 9.21 -6.50 10.11
C ASP B 163 7.94 -7.08 9.50
N ASN B 164 7.45 -6.45 8.45
CA ASN B 164 6.26 -6.92 7.76
C ASN B 164 6.75 -7.88 6.67
N GLY B 165 8.04 -8.22 6.71
CA GLY B 165 8.60 -9.12 5.71
C GLY B 165 8.72 -8.57 4.28
N ASN B 166 8.80 -7.25 4.13
CA ASN B 166 8.91 -6.62 2.82
C ASN B 166 10.33 -6.13 2.53
N VAL B 167 10.56 -5.64 1.31
CA VAL B 167 11.88 -5.12 0.96
C VAL B 167 11.76 -3.62 0.85
N ILE B 168 12.91 -2.97 0.75
CA ILE B 168 12.89 -1.54 0.60
C ILE B 168 13.65 -1.09 -0.64
N LEU B 169 13.09 -0.11 -1.33
CA LEU B 169 13.70 0.47 -2.49
C LEU B 169 13.97 1.92 -2.10
N ASP B 170 15.21 2.38 -2.20
CA ASP B 170 15.52 3.78 -1.90
C ASP B 170 15.64 4.48 -3.24
N VAL B 171 14.75 5.45 -3.50
CA VAL B 171 14.73 6.18 -4.76
C VAL B 171 15.61 7.42 -4.75
N HIS B 172 16.66 7.43 -5.57
CA HIS B 172 17.58 8.57 -5.63
C HIS B 172 17.26 9.51 -6.77
N GLY B 173 17.95 10.64 -6.77
CA GLY B 173 17.83 11.61 -7.84
C GLY B 173 16.50 12.27 -8.14
N MSE B 174 15.46 11.96 -7.39
CA MSE B 174 14.19 12.61 -7.69
C MSE B 174 14.22 14.07 -7.21
O MSE B 174 14.88 14.38 -6.21
CB MSE B 174 13.03 11.89 -7.00
CG MSE B 174 12.71 10.51 -7.52
SE MSE B 174 10.98 10.00 -6.79
CE MSE B 174 10.18 9.50 -8.48
N GLU B 175 13.54 14.96 -7.92
CA GLU B 175 13.47 16.34 -7.48
C GLU B 175 11.98 16.50 -7.23
N ILE B 176 11.54 16.05 -6.07
CA ILE B 176 10.12 16.06 -5.72
C ILE B 176 9.52 17.45 -5.51
N LEU B 177 9.24 18.11 -6.63
CA LEU B 177 8.68 19.45 -6.63
C LEU B 177 7.24 19.54 -6.10
N ASP B 178 6.49 18.45 -6.19
CA ASP B 178 5.09 18.40 -5.71
C ASP B 178 4.90 17.09 -4.93
N PRO B 179 5.39 17.08 -3.67
CA PRO B 179 5.30 15.92 -2.79
C PRO B 179 3.92 15.28 -2.71
N ILE B 180 2.85 16.07 -2.76
CA ILE B 180 1.55 15.44 -2.68
C ILE B 180 1.29 14.58 -3.93
N ALA B 181 1.49 15.15 -5.11
CA ALA B 181 1.28 14.37 -6.32
C ALA B 181 2.23 13.16 -6.38
N MSE B 182 3.42 13.28 -5.81
CA MSE B 182 4.35 12.16 -5.86
C MSE B 182 3.97 11.04 -4.88
O MSE B 182 4.18 9.86 -5.17
CB MSE B 182 5.78 12.62 -5.58
CG MSE B 182 6.81 11.54 -5.84
SE MSE B 182 6.84 10.99 -7.71
CE MSE B 182 7.10 9.10 -7.53
N GLU B 183 3.45 11.41 -3.72
CA GLU B 183 3.04 10.43 -2.75
C GLU B 183 1.89 9.69 -3.39
N ASN B 184 0.97 10.45 -4.00
CA ASN B 184 -0.19 9.84 -4.64
C ASN B 184 0.22 8.87 -5.77
N ALA B 185 1.09 9.33 -6.65
CA ALA B 185 1.57 8.51 -7.76
C ALA B 185 2.20 7.20 -7.31
N ILE B 186 2.98 7.22 -6.24
CA ILE B 186 3.62 5.98 -5.78
C ILE B 186 2.64 5.13 -4.98
N ASN B 187 1.73 5.75 -4.24
CA ASN B 187 0.75 4.97 -3.48
C ASN B 187 -0.18 4.24 -4.44
N ALA B 188 -0.18 4.67 -5.70
CA ALA B 188 -1.03 4.03 -6.69
C ALA B 188 -0.41 2.78 -7.29
N ILE B 189 0.88 2.57 -7.05
CA ILE B 189 1.57 1.42 -7.63
C ILE B 189 1.35 0.10 -6.86
N PRO B 190 0.66 -0.87 -7.48
CA PRO B 190 0.43 -2.15 -6.80
C PRO B 190 1.77 -2.70 -6.36
N GLY B 191 1.87 -3.27 -5.17
CA GLY B 191 3.13 -3.78 -4.71
C GLY B 191 3.72 -2.83 -3.68
N VAL B 192 3.36 -1.55 -3.79
CA VAL B 192 3.84 -0.58 -2.86
C VAL B 192 3.04 -0.69 -1.59
N VAL B 193 3.74 -0.71 -0.46
CA VAL B 193 3.11 -0.79 0.84
C VAL B 193 3.09 0.60 1.43
N THR B 194 4.27 1.21 1.53
CA THR B 194 4.42 2.55 2.09
C THR B 194 5.47 3.41 1.34
N VAL B 195 5.18 4.69 1.10
CA VAL B 195 6.12 5.61 0.46
C VAL B 195 6.54 6.52 1.61
N GLY B 196 7.83 6.77 1.77
CA GLY B 196 8.29 7.63 2.85
C GLY B 196 8.01 9.10 2.63
N LEU B 197 6.87 9.42 2.02
CA LEU B 197 6.49 10.81 1.79
C LEU B 197 5.28 11.13 2.66
N PHE B 198 5.45 12.02 3.63
CA PHE B 198 4.35 12.44 4.48
C PHE B 198 4.01 13.79 3.90
N ALA B 199 3.20 13.78 2.84
CA ALA B 199 2.81 15.02 2.17
C ALA B 199 1.33 15.31 2.35
N ASN B 200 0.45 14.32 2.18
CA ASN B 200 -0.96 14.63 2.37
C ASN B 200 -1.20 14.90 3.85
N ARG B 201 -0.32 14.32 4.66
CA ARG B 201 -0.38 14.46 6.09
C ARG B 201 1.03 14.75 6.52
N GLY B 202 1.38 16.04 6.58
CA GLY B 202 2.71 16.45 6.95
C GLY B 202 2.81 16.85 8.40
N ALA B 203 3.82 17.63 8.72
CA ALA B 203 4.00 18.09 10.09
C ALA B 203 3.03 19.26 10.30
N ASP B 204 2.53 19.38 11.52
CA ASP B 204 1.62 20.48 11.84
C ASP B 204 2.45 21.52 12.55
N VAL B 205 3.49 21.05 13.24
CA VAL B 205 4.39 21.91 13.98
C VAL B 205 5.79 21.36 13.79
N ALA B 206 6.77 22.25 13.70
CA ALA B 206 8.14 21.81 13.56
C ALA B 206 9.05 22.56 14.51
N LEU B 207 9.76 21.80 15.34
CA LEU B 207 10.73 22.33 16.29
C LEU B 207 12.09 22.06 15.65
N ILE B 208 12.75 23.14 15.22
CA ILE B 208 14.04 23.00 14.56
C ILE B 208 15.15 23.60 15.36
N GLY B 209 16.11 22.75 15.70
CA GLY B 209 17.25 23.17 16.49
C GLY B 209 18.25 23.92 15.66
N THR B 210 18.35 25.22 15.91
CA THR B 210 19.28 26.08 15.20
C THR B 210 20.28 26.55 16.26
N PRO B 211 21.54 26.79 15.87
CA PRO B 211 22.57 27.24 16.83
C PRO B 211 22.10 28.46 17.64
N ASP B 212 21.15 29.21 17.09
CA ASP B 212 20.60 30.40 17.73
C ASP B 212 19.44 30.05 18.64
N GLY B 213 19.17 28.76 18.82
CA GLY B 213 18.08 28.33 19.67
C GLY B 213 17.26 27.17 19.14
N VAL B 214 15.97 27.43 18.92
CA VAL B 214 15.03 26.43 18.43
C VAL B 214 13.86 27.19 17.82
N LYS B 215 13.79 27.21 16.50
CA LYS B 215 12.70 27.91 15.84
C LYS B 215 11.48 27.01 15.78
N THR B 216 10.31 27.62 15.89
CA THR B 216 9.07 26.89 15.87
C THR B 216 8.23 27.30 14.67
N ILE B 217 8.02 26.36 13.75
CA ILE B 217 7.20 26.63 12.56
C ILE B 217 5.85 25.99 12.78
N VAL B 218 4.79 26.69 12.37
CA VAL B 218 3.43 26.22 12.54
C VAL B 218 2.58 26.31 11.27
N LYS B 219 1.42 25.65 11.31
CA LYS B 219 0.47 25.59 10.21
C LYS B 219 1.13 24.92 9.02
#